data_1T2P
#
_entry.id   1T2P
#
_cell.length_a   46.553
_cell.length_b   81.907
_cell.length_c   54.912
_cell.angle_alpha   90.00
_cell.angle_beta   103.75
_cell.angle_gamma   90.00
#
_symmetry.space_group_name_H-M   'P 1 21 1'
#
loop_
_entity.id
_entity.type
_entity.pdbx_description
1 polymer sortase
2 water water
#
_entity_poly.entity_id   1
_entity_poly.type   'polypeptide(L)'
_entity_poly.pdbx_seq_one_letter_code
;AKPQIPKDKSKVAGYIEIPDADIKEPVYPGPATPEQLNRGVSFAEENESLDDQNISIAGHTFIDRPNYQFTNLKAAKKGS
MVYFKVGNETRKYKMTSIRDVKPTDVGVLDEQKGKDKQLTLITCDDYNEKTGVWEKRKIFVATEVK
;
_entity_poly.pdbx_strand_id   A,B,C
#
# COMPACT_ATOMS: atom_id res chain seq x y z
N LYS A 2 15.72 3.70 -0.18
CA LYS A 2 15.72 5.06 -0.80
C LYS A 2 15.09 5.01 -2.19
N PRO A 3 14.00 5.77 -2.40
CA PRO A 3 13.29 5.82 -3.68
C PRO A 3 14.21 6.05 -4.87
N GLN A 4 13.76 5.63 -6.05
CA GLN A 4 14.54 5.80 -7.26
C GLN A 4 13.62 5.90 -8.48
N ILE A 5 13.93 6.81 -9.40
CA ILE A 5 13.13 6.97 -10.60
C ILE A 5 13.83 6.18 -11.71
N PRO A 6 13.15 5.18 -12.27
CA PRO A 6 13.73 4.36 -13.35
C PRO A 6 14.35 5.20 -14.46
N LYS A 7 15.49 4.74 -14.99
CA LYS A 7 16.16 5.44 -16.06
C LYS A 7 15.36 5.16 -17.33
N ASP A 8 14.71 4.00 -17.35
CA ASP A 8 13.90 3.59 -18.48
C ASP A 8 12.56 4.32 -18.45
N LYS A 9 12.37 5.21 -19.42
CA LYS A 9 11.15 6.02 -19.50
C LYS A 9 9.84 5.21 -19.56
N SER A 10 9.93 3.93 -19.91
CA SER A 10 8.73 3.11 -20.03
C SER A 10 8.34 2.41 -18.74
N LYS A 11 9.10 2.64 -17.68
CA LYS A 11 8.82 2.00 -16.39
C LYS A 11 8.13 2.90 -15.39
N VAL A 12 7.12 2.35 -14.71
CA VAL A 12 6.37 3.07 -13.71
C VAL A 12 7.28 3.39 -12.51
N ALA A 13 7.28 4.66 -12.11
CA ALA A 13 8.11 5.11 -11.00
C ALA A 13 7.36 5.11 -9.67
N GLY A 14 6.04 5.28 -9.74
CA GLY A 14 5.23 5.32 -8.54
C GLY A 14 3.76 5.53 -8.88
N TYR A 15 2.97 5.85 -7.87
CA TYR A 15 1.54 6.09 -8.05
C TYR A 15 1.11 7.39 -7.38
N ILE A 16 0.23 8.13 -8.06
CA ILE A 16 -0.30 9.37 -7.52
C ILE A 16 -1.80 9.16 -7.40
N GLU A 17 -2.36 9.52 -6.25
CA GLU A 17 -3.79 9.33 -6.01
C GLU A 17 -4.46 10.51 -5.32
N ILE A 18 -5.59 10.95 -5.86
CA ILE A 18 -6.36 12.05 -5.29
C ILE A 18 -7.81 11.53 -5.25
N PRO A 19 -8.16 10.81 -4.17
CA PRO A 19 -9.47 10.21 -3.92
C PRO A 19 -10.68 11.10 -4.19
N ASP A 20 -10.67 12.33 -3.68
CA ASP A 20 -11.78 13.26 -3.89
C ASP A 20 -11.99 13.56 -5.38
N ALA A 21 -10.97 13.30 -6.18
CA ALA A 21 -11.07 13.54 -7.62
C ALA A 21 -11.16 12.22 -8.37
N ASP A 22 -11.16 11.12 -7.62
CA ASP A 22 -11.26 9.78 -8.21
C ASP A 22 -10.05 9.49 -9.10
N ILE A 23 -8.92 10.06 -8.73
CA ILE A 23 -7.69 9.89 -9.50
C ILE A 23 -6.74 8.89 -8.83
N LYS A 24 -6.33 7.89 -9.60
CA LYS A 24 -5.39 6.86 -9.13
C LYS A 24 -4.60 6.55 -10.41
N GLU A 25 -3.37 7.04 -10.47
CA GLU A 25 -2.58 6.86 -11.67
C GLU A 25 -1.14 6.44 -11.49
N PRO A 26 -0.63 5.61 -12.40
CA PRO A 26 0.76 5.17 -12.31
C PRO A 26 1.54 6.40 -12.76
N VAL A 27 2.70 6.65 -12.15
CA VAL A 27 3.51 7.80 -12.54
C VAL A 27 4.79 7.35 -13.23
N TYR A 28 5.04 7.89 -14.42
CA TYR A 28 6.24 7.54 -15.18
C TYR A 28 7.31 8.61 -15.11
N PRO A 29 8.56 8.25 -15.47
CA PRO A 29 9.68 9.20 -15.44
C PRO A 29 9.39 10.40 -16.33
N GLY A 30 10.00 11.52 -16.00
CA GLY A 30 9.82 12.71 -16.82
C GLY A 30 10.89 12.75 -17.90
N PRO A 31 10.97 13.83 -18.69
CA PRO A 31 10.08 14.99 -18.59
C PRO A 31 8.70 14.65 -19.15
N ALA A 32 7.71 15.45 -18.79
CA ALA A 32 6.35 15.24 -19.24
C ALA A 32 6.15 15.65 -20.71
N THR A 33 6.57 14.80 -21.63
CA THR A 33 6.40 15.09 -23.06
C THR A 33 5.10 14.39 -23.51
N PRO A 34 4.63 14.66 -24.74
CA PRO A 34 3.40 14.00 -25.16
C PRO A 34 3.53 12.48 -25.09
N GLU A 35 4.71 11.94 -25.42
CA GLU A 35 4.88 10.48 -25.36
C GLU A 35 4.71 9.99 -23.92
N GLN A 36 5.42 10.62 -22.99
CA GLN A 36 5.32 10.21 -21.60
C GLN A 36 3.89 10.28 -21.10
N LEU A 37 3.20 11.38 -21.38
CA LEU A 37 1.82 11.50 -20.96
C LEU A 37 0.90 10.52 -21.70
N ASN A 38 1.40 9.93 -22.78
CA ASN A 38 0.60 8.96 -23.54
C ASN A 38 0.68 7.64 -22.77
N ARG A 39 1.79 7.43 -22.07
CA ARG A 39 1.97 6.24 -21.26
C ARG A 39 1.14 6.45 -19.99
N GLY A 40 1.21 7.68 -19.45
CA GLY A 40 0.46 8.00 -18.26
C GLY A 40 0.96 9.26 -17.60
N VAL A 41 0.45 9.54 -16.40
CA VAL A 41 0.89 10.71 -15.65
C VAL A 41 2.41 10.56 -15.48
N SER A 42 3.15 11.66 -15.57
CA SER A 42 4.62 11.58 -15.44
C SER A 42 5.22 12.78 -14.74
N PHE A 43 6.42 12.61 -14.19
CA PHE A 43 7.09 13.74 -13.53
C PHE A 43 7.32 14.81 -14.61
N ALA A 44 7.14 16.07 -14.22
CA ALA A 44 7.28 17.17 -15.16
C ALA A 44 8.69 17.34 -15.71
N GLU A 45 9.68 17.10 -14.86
CA GLU A 45 11.08 17.29 -15.25
C GLU A 45 11.88 15.98 -15.29
N GLU A 46 12.84 15.93 -16.21
CA GLU A 46 13.68 14.75 -16.37
C GLU A 46 14.61 14.54 -15.18
N ASN A 47 15.13 15.64 -14.63
CA ASN A 47 16.06 15.55 -13.50
C ASN A 47 15.35 15.57 -12.14
N GLU A 48 14.05 15.29 -12.14
CA GLU A 48 13.27 15.29 -10.91
C GLU A 48 13.83 14.29 -9.91
N SER A 49 13.84 14.65 -8.64
CA SER A 49 14.36 13.77 -7.58
C SER A 49 13.39 13.67 -6.40
N LEU A 50 13.20 12.46 -5.89
CA LEU A 50 12.28 12.21 -4.77
C LEU A 50 12.66 12.85 -3.44
N ASP A 51 13.85 13.46 -3.37
CA ASP A 51 14.27 14.08 -2.12
C ASP A 51 14.12 15.60 -2.16
N ASP A 52 13.68 16.12 -3.29
CA ASP A 52 13.49 17.56 -3.43
C ASP A 52 12.34 18.09 -2.59
N GLN A 53 12.40 19.38 -2.27
CA GLN A 53 11.35 20.00 -1.46
C GLN A 53 10.04 20.01 -2.23
N ASN A 54 10.13 20.14 -3.54
CA ASN A 54 8.94 20.16 -4.38
C ASN A 54 9.07 19.17 -5.54
N ILE A 55 8.15 18.21 -5.57
CA ILE A 55 8.14 17.22 -6.64
C ILE A 55 6.98 17.59 -7.55
N SER A 56 7.24 17.70 -8.85
CA SER A 56 6.22 18.08 -9.80
C SER A 56 5.79 16.92 -10.68
N ILE A 57 4.48 16.74 -10.78
CA ILE A 57 3.91 15.66 -11.58
C ILE A 57 2.87 16.24 -12.54
N ALA A 58 2.97 15.86 -13.82
CA ALA A 58 2.06 16.35 -14.85
C ALA A 58 1.08 15.30 -15.36
N GLY A 59 -0.08 15.77 -15.80
CA GLY A 59 -1.10 14.89 -16.33
C GLY A 59 -1.94 15.59 -17.37
N HIS A 60 -2.53 14.81 -18.27
CA HIS A 60 -3.36 15.34 -19.33
C HIS A 60 -4.75 15.75 -18.88
N THR A 61 -5.32 16.70 -19.63
CA THR A 61 -6.68 17.19 -19.43
C THR A 61 -7.32 16.89 -20.79
N PHE A 62 -8.27 15.96 -20.82
CA PHE A 62 -8.91 15.54 -22.07
C PHE A 62 -10.44 15.50 -21.90
N ILE A 63 -11.14 16.54 -22.36
CA ILE A 63 -12.59 16.60 -22.23
C ILE A 63 -13.31 15.35 -22.73
N ASP A 64 -12.76 14.70 -23.76
CA ASP A 64 -13.39 13.49 -24.29
C ASP A 64 -13.46 12.41 -23.20
N ARG A 65 -12.70 12.59 -22.12
CA ARG A 65 -12.68 11.63 -21.02
C ARG A 65 -12.60 12.35 -19.67
N PRO A 66 -13.76 12.69 -19.10
CA PRO A 66 -13.90 13.38 -17.82
C PRO A 66 -12.98 12.89 -16.70
N ASN A 67 -12.64 11.61 -16.73
CA ASN A 67 -11.80 11.04 -15.68
C ASN A 67 -10.44 10.54 -16.16
N TYR A 68 -9.96 11.10 -17.26
CA TYR A 68 -8.66 10.69 -17.80
C TYR A 68 -7.56 11.51 -17.14
N GLN A 69 -6.62 10.80 -16.50
CA GLN A 69 -5.50 11.42 -15.81
C GLN A 69 -5.90 12.57 -14.89
N PHE A 70 -5.50 13.80 -15.21
CA PHE A 70 -5.81 14.94 -14.35
C PHE A 70 -6.97 15.81 -14.82
N THR A 71 -7.82 15.29 -15.68
CA THR A 71 -8.97 16.04 -16.17
C THR A 71 -9.92 16.45 -15.04
N ASN A 72 -10.15 15.53 -14.10
CA ASN A 72 -11.06 15.80 -12.98
C ASN A 72 -10.39 16.33 -11.71
N LEU A 73 -9.12 16.70 -11.82
CA LEU A 73 -8.38 17.21 -10.67
C LEU A 73 -9.05 18.37 -9.95
N LYS A 74 -9.69 19.25 -10.71
CA LYS A 74 -10.37 20.40 -10.13
C LYS A 74 -11.45 19.97 -9.14
N ALA A 75 -11.82 18.71 -9.15
CA ALA A 75 -12.83 18.21 -8.22
C ALA A 75 -12.28 18.24 -6.79
N ALA A 76 -10.96 18.24 -6.66
CA ALA A 76 -10.32 18.24 -5.34
C ALA A 76 -10.09 19.64 -4.80
N LYS A 77 -10.66 19.93 -3.64
CA LYS A 77 -10.54 21.25 -3.01
C LYS A 77 -9.51 21.27 -1.88
N LYS A 78 -9.39 22.42 -1.21
CA LYS A 78 -8.45 22.55 -0.10
C LYS A 78 -8.69 21.49 0.97
N GLY A 79 -7.60 20.86 1.43
CA GLY A 79 -7.72 19.83 2.45
C GLY A 79 -7.77 18.43 1.89
N SER A 80 -8.09 18.30 0.60
CA SER A 80 -8.17 16.98 -0.03
C SER A 80 -6.89 16.17 0.12
N MET A 81 -7.03 14.91 0.52
CA MET A 81 -5.87 14.04 0.70
C MET A 81 -5.27 13.66 -0.66
N VAL A 82 -3.95 13.61 -0.71
CA VAL A 82 -3.21 13.23 -1.91
C VAL A 82 -2.18 12.22 -1.45
N TYR A 83 -2.09 11.09 -2.17
CA TYR A 83 -1.11 10.05 -1.82
C TYR A 83 -0.09 9.90 -2.93
N PHE A 84 1.18 9.88 -2.57
CA PHE A 84 2.25 9.68 -3.55
C PHE A 84 2.98 8.44 -3.05
N LYS A 85 2.78 7.34 -3.75
CA LYS A 85 3.38 6.08 -3.37
C LYS A 85 4.56 5.67 -4.22
N VAL A 86 5.63 5.30 -3.54
CA VAL A 86 6.83 4.81 -4.21
C VAL A 86 7.12 3.44 -3.61
N GLY A 87 8.14 2.76 -4.11
CA GLY A 87 8.46 1.44 -3.62
C GLY A 87 8.47 1.23 -2.12
N ASN A 88 9.17 2.11 -1.40
CA ASN A 88 9.31 1.98 0.05
C ASN A 88 8.47 2.91 0.92
N GLU A 89 7.53 3.66 0.33
CA GLU A 89 6.74 4.56 1.16
C GLU A 89 5.52 5.20 0.52
N THR A 90 4.57 5.56 1.37
CA THR A 90 3.35 6.24 0.97
C THR A 90 3.44 7.62 1.59
N ARG A 91 3.59 8.64 0.77
CA ARG A 91 3.69 10.00 1.28
C ARG A 91 2.29 10.61 1.25
N LYS A 92 1.92 11.30 2.31
CA LYS A 92 0.60 11.92 2.42
C LYS A 92 0.70 13.44 2.37
N TYR A 93 -0.18 14.06 1.60
CA TYR A 93 -0.20 15.51 1.50
C TYR A 93 -1.65 16.00 1.50
N LYS A 94 -1.82 17.29 1.80
CA LYS A 94 -3.13 17.91 1.80
C LYS A 94 -3.12 19.07 0.81
N MET A 95 -4.11 19.07 -0.07
CA MET A 95 -4.26 20.13 -1.08
C MET A 95 -4.37 21.47 -0.37
N THR A 96 -3.62 22.46 -0.85
CA THR A 96 -3.66 23.80 -0.27
C THR A 96 -4.66 24.65 -1.06
N SER A 97 -4.61 25.96 -0.87
CA SER A 97 -5.50 26.87 -1.58
C SER A 97 -4.95 27.18 -2.97
N ILE A 98 -3.69 26.85 -3.19
CA ILE A 98 -3.07 27.07 -4.49
C ILE A 98 -3.45 25.89 -5.36
N ARG A 99 -4.65 25.96 -5.93
CA ARG A 99 -5.16 24.90 -6.79
C ARG A 99 -5.91 25.43 -7.99
N ASP A 100 -5.79 24.71 -9.10
CA ASP A 100 -6.44 25.08 -10.35
C ASP A 100 -6.10 26.52 -10.76
N VAL A 101 -4.85 26.90 -10.56
CA VAL A 101 -4.40 28.25 -10.90
C VAL A 101 -3.36 28.24 -12.03
N LYS A 102 -3.44 29.20 -12.94
CA LYS A 102 -2.48 29.29 -14.02
C LYS A 102 -1.16 29.77 -13.44
N PRO A 103 -0.02 29.29 -13.98
CA PRO A 103 1.30 29.68 -13.49
C PRO A 103 1.50 31.20 -13.54
N THR A 104 0.74 31.87 -14.38
CA THR A 104 0.84 33.32 -14.51
C THR A 104 0.18 34.02 -13.34
N ASP A 105 -0.13 33.25 -12.29
CA ASP A 105 -0.78 33.79 -11.10
C ASP A 105 0.06 33.56 -9.84
N VAL A 106 1.04 32.66 -9.95
CA VAL A 106 1.92 32.36 -8.82
C VAL A 106 3.39 32.37 -9.25
N GLY A 107 3.79 31.32 -9.97
CA GLY A 107 5.17 31.24 -10.44
C GLY A 107 6.19 30.94 -9.35
N VAL A 108 6.47 29.66 -9.13
CA VAL A 108 7.43 29.24 -8.13
C VAL A 108 8.11 27.94 -8.57
N LEU A 109 9.29 27.68 -8.03
CA LEU A 109 10.03 26.46 -8.38
C LEU A 109 10.50 25.72 -7.12
N ASP A 110 11.71 25.17 -7.18
CA ASP A 110 12.28 24.43 -6.05
C ASP A 110 12.87 25.38 -5.01
N GLU A 111 12.63 26.67 -5.19
CA GLU A 111 13.14 27.70 -4.28
C GLU A 111 12.52 27.57 -2.88
N GLN A 112 13.05 26.65 -2.08
CA GLN A 112 12.54 26.44 -0.72
C GLN A 112 13.64 25.98 0.23
N LYS A 113 13.91 26.79 1.25
CA LYS A 113 14.94 26.46 2.23
C LYS A 113 14.52 25.23 3.02
N GLY A 114 13.91 25.45 4.18
CA GLY A 114 13.46 24.34 5.01
C GLY A 114 11.95 24.21 5.00
N LYS A 115 11.31 24.78 3.98
CA LYS A 115 9.86 24.73 3.85
C LYS A 115 9.41 23.28 3.67
N ASP A 116 8.30 22.94 4.32
CA ASP A 116 7.76 21.58 4.26
C ASP A 116 7.73 21.01 2.84
N LYS A 117 7.89 19.70 2.75
CA LYS A 117 7.87 19.00 1.46
C LYS A 117 6.53 19.26 0.77
N GLN A 118 6.50 19.21 -0.55
CA GLN A 118 5.26 19.44 -1.26
C GLN A 118 5.24 18.84 -2.66
N LEU A 119 4.04 18.76 -3.23
CA LEU A 119 3.84 18.23 -4.56
C LEU A 119 3.11 19.28 -5.37
N THR A 120 3.53 19.45 -6.61
CA THR A 120 2.87 20.38 -7.50
C THR A 120 2.27 19.51 -8.60
N LEU A 121 0.94 19.44 -8.66
CA LEU A 121 0.28 18.66 -9.69
C LEU A 121 -0.08 19.63 -10.80
N ILE A 122 0.27 19.26 -12.02
CA ILE A 122 0.06 20.13 -13.17
C ILE A 122 -0.80 19.50 -14.28
N THR A 123 -1.93 20.12 -14.60
CA THR A 123 -2.77 19.61 -15.68
C THR A 123 -2.15 20.21 -16.94
N CYS A 124 -2.05 19.43 -18.00
CA CYS A 124 -1.41 19.90 -19.24
C CYS A 124 -2.21 19.70 -20.52
N ASP A 125 -2.04 20.63 -21.45
CA ASP A 125 -2.71 20.54 -22.74
C ASP A 125 -2.03 21.46 -23.76
N ASP A 126 -2.13 21.12 -25.05
CA ASP A 126 -1.54 21.92 -26.12
C ASP A 126 -0.02 22.06 -26.02
N TYR A 127 0.66 20.93 -26.19
CA TYR A 127 2.11 20.92 -26.14
C TYR A 127 2.65 21.60 -27.39
N ASN A 128 3.68 22.42 -27.20
CA ASN A 128 4.32 23.14 -28.30
C ASN A 128 5.72 22.55 -28.49
N GLU A 129 5.91 21.80 -29.57
CA GLU A 129 7.19 21.17 -29.85
C GLU A 129 8.38 22.13 -29.98
N LYS A 130 8.14 23.32 -30.50
CA LYS A 130 9.20 24.32 -30.69
C LYS A 130 9.80 24.85 -29.39
N THR A 131 9.01 24.88 -28.32
CA THR A 131 9.47 25.40 -27.04
C THR A 131 9.53 24.33 -25.94
N GLY A 132 8.98 23.15 -26.23
CA GLY A 132 8.98 22.09 -25.24
C GLY A 132 8.11 22.41 -24.05
N VAL A 133 7.03 23.15 -24.26
CA VAL A 133 6.14 23.49 -23.15
C VAL A 133 4.65 23.26 -23.45
N TRP A 134 3.90 22.88 -22.42
CA TRP A 134 2.46 22.69 -22.56
C TRP A 134 1.85 24.06 -22.41
N GLU A 135 1.27 24.58 -23.48
CA GLU A 135 0.67 25.91 -23.49
C GLU A 135 -0.43 26.12 -22.43
N LYS A 136 -1.27 25.10 -22.23
CA LYS A 136 -2.36 25.19 -21.26
C LYS A 136 -1.99 24.42 -20.00
N ARG A 137 -1.82 25.14 -18.89
CA ARG A 137 -1.45 24.51 -17.63
C ARG A 137 -2.15 25.10 -16.41
N LYS A 138 -2.53 24.21 -15.49
CA LYS A 138 -3.18 24.56 -14.24
C LYS A 138 -2.38 23.93 -13.12
N ILE A 139 -2.05 24.71 -12.10
CA ILE A 139 -1.24 24.24 -10.98
C ILE A 139 -2.07 23.88 -9.75
N PHE A 140 -1.62 22.85 -9.03
CA PHE A 140 -2.26 22.39 -7.80
C PHE A 140 -1.15 22.03 -6.82
N VAL A 141 -1.11 22.69 -5.67
CA VAL A 141 -0.07 22.43 -4.67
C VAL A 141 -0.58 21.74 -3.41
N ALA A 142 0.05 20.62 -3.06
CA ALA A 142 -0.32 19.88 -1.87
C ALA A 142 0.89 19.78 -0.98
N THR A 143 0.73 20.06 0.31
CA THR A 143 1.85 20.01 1.25
C THR A 143 1.77 18.78 2.14
N GLU A 144 2.93 18.16 2.38
CA GLU A 144 2.98 16.95 3.18
C GLU A 144 2.39 17.16 4.57
N VAL A 145 1.79 16.11 5.10
CA VAL A 145 1.17 16.17 6.42
C VAL A 145 2.21 15.96 7.50
N LYS A 146 2.10 16.71 8.59
CA LYS A 146 3.05 16.60 9.70
C LYS A 146 4.47 16.94 9.24
N ALA B 1 15.68 -30.52 11.87
CA ALA B 1 16.70 -30.57 10.78
C ALA B 1 16.06 -30.84 9.41
N LYS B 2 14.95 -31.55 9.42
CA LYS B 2 14.25 -31.86 8.17
C LYS B 2 12.81 -31.38 8.25
N PRO B 3 12.63 -30.06 8.29
CA PRO B 3 11.32 -29.45 8.38
C PRO B 3 10.55 -29.63 7.08
N GLN B 4 9.34 -30.17 7.19
CA GLN B 4 8.51 -30.38 6.02
C GLN B 4 7.65 -29.16 5.72
N ILE B 5 7.32 -28.96 4.45
CA ILE B 5 6.47 -27.84 4.06
C ILE B 5 5.03 -28.30 4.28
N PRO B 6 4.21 -27.45 4.92
CA PRO B 6 2.80 -27.76 5.20
C PRO B 6 2.00 -28.18 3.96
N LYS B 7 1.35 -29.33 4.03
CA LYS B 7 0.54 -29.81 2.91
C LYS B 7 -0.65 -28.87 2.78
N ASP B 8 -1.13 -28.38 3.92
CA ASP B 8 -2.25 -27.46 3.98
C ASP B 8 -1.73 -26.11 3.46
N LYS B 9 -2.14 -25.76 2.24
CA LYS B 9 -1.71 -24.54 1.57
C LYS B 9 -1.96 -23.24 2.33
N SER B 10 -2.89 -23.26 3.26
CA SER B 10 -3.21 -22.06 4.02
C SER B 10 -2.22 -21.78 5.15
N LYS B 11 -1.31 -22.73 5.40
CA LYS B 11 -0.34 -22.58 6.49
C LYS B 11 0.98 -21.93 6.08
N VAL B 12 1.60 -21.20 7.00
CA VAL B 12 2.88 -20.56 6.72
C VAL B 12 3.97 -21.63 6.73
N ALA B 13 4.69 -21.74 5.61
CA ALA B 13 5.75 -22.73 5.49
C ALA B 13 7.10 -22.23 6.00
N GLY B 14 7.32 -20.93 5.90
CA GLY B 14 8.59 -20.38 6.35
C GLY B 14 8.61 -18.87 6.31
N TYR B 15 9.81 -18.29 6.43
CA TYR B 15 9.92 -16.85 6.42
C TYR B 15 11.10 -16.38 5.60
N ILE B 16 10.98 -15.18 5.04
CA ILE B 16 12.04 -14.60 4.24
C ILE B 16 12.26 -13.17 4.72
N GLU B 17 13.52 -12.76 4.78
CA GLU B 17 13.86 -11.42 5.23
C GLU B 17 14.94 -10.82 4.34
N ILE B 18 14.78 -9.55 3.99
CA ILE B 18 15.75 -8.84 3.14
C ILE B 18 15.83 -7.42 3.69
N PRO B 19 16.69 -7.22 4.70
CA PRO B 19 16.89 -5.91 5.34
C PRO B 19 16.99 -4.72 4.40
N ASP B 20 17.84 -4.81 3.39
CA ASP B 20 18.02 -3.70 2.45
C ASP B 20 16.71 -3.30 1.78
N ALA B 21 15.74 -4.20 1.78
CA ALA B 21 14.45 -3.91 1.16
C ALA B 21 13.32 -3.73 2.17
N ASP B 22 13.65 -3.87 3.46
CA ASP B 22 12.67 -3.74 4.53
C ASP B 22 11.61 -4.82 4.39
N ILE B 23 12.03 -5.96 3.84
CA ILE B 23 11.11 -7.07 3.65
C ILE B 23 11.27 -8.13 4.73
N LYS B 24 10.15 -8.51 5.33
CA LYS B 24 10.10 -9.54 6.37
C LYS B 24 8.73 -10.17 6.17
N GLU B 25 8.71 -11.26 5.39
CA GLU B 25 7.44 -11.91 5.04
C GLU B 25 7.27 -13.40 5.31
N PRO B 26 6.03 -13.82 5.57
CA PRO B 26 5.76 -15.24 5.81
C PRO B 26 5.79 -15.83 4.39
N VAL B 27 6.09 -17.12 4.25
CA VAL B 27 6.13 -17.74 2.95
C VAL B 27 5.20 -18.96 2.96
N TYR B 28 4.30 -19.02 2.00
CA TYR B 28 3.35 -20.13 1.92
C TYR B 28 3.75 -21.19 0.91
N PRO B 29 3.12 -22.38 1.00
CA PRO B 29 3.43 -23.49 0.09
C PRO B 29 3.14 -23.11 -1.37
N GLY B 30 3.89 -23.68 -2.30
CA GLY B 30 3.66 -23.41 -3.71
C GLY B 30 2.69 -24.47 -4.23
N PRO B 31 2.34 -24.48 -5.54
CA PRO B 31 2.80 -23.54 -6.57
C PRO B 31 2.23 -22.18 -6.30
N ALA B 32 2.91 -21.15 -6.81
CA ALA B 32 2.47 -19.78 -6.61
C ALA B 32 1.31 -19.43 -7.54
N THR B 33 0.13 -19.96 -7.25
CA THR B 33 -1.06 -19.67 -8.04
C THR B 33 -1.66 -18.39 -7.46
N PRO B 34 -2.59 -17.75 -8.18
CA PRO B 34 -3.21 -16.51 -7.67
C PRO B 34 -3.70 -16.70 -6.24
N GLU B 35 -4.27 -17.87 -5.97
CA GLU B 35 -4.78 -18.19 -4.64
C GLU B 35 -3.68 -18.15 -3.60
N GLN B 36 -2.50 -18.67 -3.93
CA GLN B 36 -1.41 -18.66 -2.96
C GLN B 36 -0.83 -17.26 -2.78
N LEU B 37 -0.64 -16.53 -3.87
CA LEU B 37 -0.08 -15.18 -3.78
C LEU B 37 -1.02 -14.28 -2.99
N ASN B 38 -2.32 -14.58 -3.07
CA ASN B 38 -3.32 -13.81 -2.35
C ASN B 38 -3.20 -14.00 -0.84
N ARG B 39 -2.47 -15.02 -0.44
CA ARG B 39 -2.25 -15.28 0.99
C ARG B 39 -0.98 -14.57 1.41
N GLY B 40 0.02 -14.64 0.54
CA GLY B 40 1.29 -13.99 0.80
C GLY B 40 2.33 -14.48 -0.17
N VAL B 41 3.59 -14.18 0.11
CA VAL B 41 4.69 -14.63 -0.72
C VAL B 41 4.64 -16.16 -0.66
N SER B 42 5.05 -16.84 -1.72
CA SER B 42 4.98 -18.30 -1.71
C SER B 42 5.95 -18.97 -2.66
N PHE B 43 6.33 -20.21 -2.34
CA PHE B 43 7.23 -20.98 -3.20
C PHE B 43 6.63 -21.00 -4.59
N ALA B 44 7.47 -20.80 -5.60
CA ALA B 44 7.02 -20.78 -6.98
C ALA B 44 6.36 -22.09 -7.41
N GLU B 45 7.00 -23.20 -7.10
CA GLU B 45 6.46 -24.50 -7.48
C GLU B 45 6.17 -25.40 -6.30
N GLU B 46 5.42 -26.46 -6.56
CA GLU B 46 5.07 -27.43 -5.52
C GLU B 46 6.32 -28.17 -5.09
N ASN B 47 6.34 -28.62 -3.84
CA ASN B 47 7.46 -29.37 -3.30
C ASN B 47 8.83 -28.72 -3.50
N GLU B 48 9.16 -27.73 -2.69
CA GLU B 48 10.46 -27.08 -2.77
C GLU B 48 11.17 -27.17 -1.41
N SER B 49 12.29 -27.87 -1.37
CA SER B 49 13.04 -28.05 -0.13
C SER B 49 14.21 -27.08 0.02
N LEU B 50 14.82 -27.09 1.21
CA LEU B 50 15.95 -26.20 1.49
C LEU B 50 17.20 -26.72 0.79
N ASP B 51 17.40 -28.03 0.86
CA ASP B 51 18.56 -28.65 0.23
C ASP B 51 18.49 -28.54 -1.28
N ASP B 52 17.41 -27.96 -1.78
CA ASP B 52 17.24 -27.78 -3.23
C ASP B 52 18.32 -26.83 -3.73
N GLN B 53 19.02 -27.23 -4.79
CA GLN B 53 20.07 -26.39 -5.36
C GLN B 53 19.51 -25.01 -5.67
N ASN B 54 18.28 -24.97 -6.14
CA ASN B 54 17.64 -23.69 -6.44
C ASN B 54 16.21 -23.64 -5.95
N ILE B 55 15.94 -22.68 -5.08
CA ILE B 55 14.60 -22.49 -4.55
C ILE B 55 14.06 -21.23 -5.21
N SER B 56 12.77 -21.23 -5.53
CA SER B 56 12.14 -20.09 -6.17
C SER B 56 10.97 -19.59 -5.34
N ILE B 57 10.94 -18.29 -5.09
CA ILE B 57 9.86 -17.70 -4.30
C ILE B 57 9.28 -16.51 -5.05
N ALA B 58 7.96 -16.49 -5.20
CA ALA B 58 7.30 -15.41 -5.91
C ALA B 58 6.48 -14.52 -4.98
N GLY B 59 6.29 -13.28 -5.40
CA GLY B 59 5.52 -12.34 -4.62
C GLY B 59 5.05 -11.20 -5.51
N HIS B 60 3.94 -10.57 -5.13
CA HIS B 60 3.39 -9.45 -5.89
C HIS B 60 4.31 -8.25 -5.82
N THR B 61 4.25 -7.41 -6.85
CA THR B 61 4.99 -6.15 -6.92
C THR B 61 3.94 -5.16 -7.38
N PHE B 62 3.24 -4.55 -6.42
CA PHE B 62 2.17 -3.58 -6.68
C PHE B 62 2.59 -2.21 -6.18
N ILE B 63 3.03 -1.35 -7.10
CA ILE B 63 3.50 -0.01 -6.76
C ILE B 63 2.53 0.85 -5.93
N ASP B 64 1.23 0.63 -6.09
CA ASP B 64 0.27 1.40 -5.29
C ASP B 64 0.16 0.80 -3.88
N ARG B 65 0.99 -0.20 -3.60
CA ARG B 65 1.01 -0.83 -2.27
C ARG B 65 2.45 -0.94 -1.76
N PRO B 66 3.02 0.18 -1.31
CA PRO B 66 4.39 0.25 -0.78
C PRO B 66 4.64 -0.77 0.34
N ASN B 67 5.83 -1.40 0.31
CA ASN B 67 6.20 -2.36 1.35
C ASN B 67 5.43 -3.69 1.27
N TYR B 68 4.41 -3.73 0.42
CA TYR B 68 3.59 -4.93 0.24
C TYR B 68 4.37 -6.03 -0.51
N GLN B 69 4.42 -7.22 0.06
CA GLN B 69 5.15 -8.35 -0.54
C GLN B 69 6.50 -7.97 -1.16
N PHE B 70 6.68 -8.14 -2.47
CA PHE B 70 7.95 -7.82 -3.11
C PHE B 70 7.97 -6.47 -3.83
N THR B 71 7.05 -5.60 -3.46
CA THR B 71 6.95 -4.27 -4.08
C THR B 71 8.24 -3.46 -4.03
N ASN B 72 8.96 -3.53 -2.90
CA ASN B 72 10.20 -2.78 -2.74
C ASN B 72 11.45 -3.64 -2.90
N LEU B 73 11.32 -4.80 -3.54
CA LEU B 73 12.45 -5.69 -3.73
C LEU B 73 13.57 -5.06 -4.56
N LYS B 74 13.20 -4.13 -5.42
CA LYS B 74 14.15 -3.44 -6.27
C LYS B 74 15.20 -2.64 -5.50
N ALA B 75 14.93 -2.37 -4.23
CA ALA B 75 15.87 -1.62 -3.40
C ALA B 75 17.06 -2.49 -3.01
N ALA B 76 16.91 -3.80 -3.14
CA ALA B 76 17.97 -4.73 -2.81
C ALA B 76 19.00 -4.68 -3.93
N LYS B 77 20.25 -4.40 -3.58
CA LYS B 77 21.31 -4.33 -4.58
C LYS B 77 22.26 -5.50 -4.48
N LYS B 78 23.22 -5.55 -5.41
CA LYS B 78 24.21 -6.61 -5.41
C LYS B 78 24.84 -6.63 -4.02
N GLY B 79 24.96 -7.81 -3.43
CA GLY B 79 25.54 -7.90 -2.09
C GLY B 79 24.53 -7.87 -0.97
N SER B 80 23.29 -7.44 -1.26
CA SER B 80 22.25 -7.40 -0.24
C SER B 80 21.98 -8.83 0.26
N MET B 81 21.89 -8.99 1.58
CA MET B 81 21.66 -10.32 2.16
C MET B 81 20.19 -10.72 2.23
N VAL B 82 19.93 -11.99 1.93
CA VAL B 82 18.57 -12.54 1.97
C VAL B 82 18.58 -13.69 2.97
N TYR B 83 17.70 -13.62 3.97
CA TYR B 83 17.65 -14.65 4.98
C TYR B 83 16.39 -15.49 4.86
N PHE B 84 16.56 -16.81 4.88
CA PHE B 84 15.46 -17.74 4.73
C PHE B 84 15.37 -18.67 5.94
N LYS B 85 14.14 -19.01 6.32
CA LYS B 85 13.95 -19.89 7.47
C LYS B 85 12.73 -20.78 7.30
N VAL B 86 12.91 -22.07 7.58
CA VAL B 86 11.83 -23.05 7.50
C VAL B 86 11.95 -23.81 8.81
N GLY B 87 10.93 -23.74 9.64
CA GLY B 87 11.02 -24.41 10.93
C GLY B 87 12.15 -23.75 11.70
N ASN B 88 13.08 -24.55 12.21
CA ASN B 88 14.20 -24.02 12.95
C ASN B 88 15.48 -23.97 12.10
N GLU B 89 15.35 -24.29 10.82
CA GLU B 89 16.48 -24.28 9.91
C GLU B 89 16.63 -22.91 9.26
N THR B 90 17.87 -22.44 9.19
CA THR B 90 18.16 -21.15 8.60
C THR B 90 19.13 -21.26 7.45
N ARG B 91 19.01 -20.34 6.49
CA ARG B 91 19.87 -20.29 5.31
C ARG B 91 20.03 -18.82 4.97
N LYS B 92 21.10 -18.51 4.23
CA LYS B 92 21.35 -17.12 3.85
C LYS B 92 21.97 -17.06 2.46
N TYR B 93 21.55 -16.03 1.71
CA TYR B 93 22.03 -15.85 0.35
C TYR B 93 22.43 -14.40 0.10
N LYS B 94 23.38 -14.23 -0.80
CA LYS B 94 23.88 -12.92 -1.18
C LYS B 94 23.37 -12.58 -2.57
N MET B 95 22.70 -11.45 -2.71
CA MET B 95 22.17 -11.02 -3.99
C MET B 95 23.27 -10.80 -5.02
N THR B 96 23.05 -11.29 -6.23
CA THR B 96 24.01 -11.11 -7.31
C THR B 96 23.58 -9.86 -8.07
N SER B 97 24.21 -9.59 -9.21
CA SER B 97 23.84 -8.42 -10.00
C SER B 97 22.56 -8.72 -10.76
N ILE B 98 22.23 -9.99 -10.89
CA ILE B 98 21.03 -10.39 -11.59
C ILE B 98 19.82 -10.00 -10.75
N ARG B 99 19.36 -8.76 -10.92
CA ARG B 99 18.22 -8.23 -10.18
C ARG B 99 17.25 -7.52 -11.11
N ASP B 100 15.96 -7.73 -10.89
CA ASP B 100 14.92 -7.09 -11.69
C ASP B 100 15.15 -7.35 -13.19
N VAL B 101 15.43 -8.60 -13.52
CA VAL B 101 15.66 -8.95 -14.93
C VAL B 101 14.56 -9.85 -15.45
N LYS B 102 14.16 -9.62 -16.69
CA LYS B 102 13.14 -10.44 -17.32
C LYS B 102 13.68 -11.85 -17.43
N PRO B 103 12.81 -12.87 -17.24
CA PRO B 103 13.26 -14.25 -17.32
C PRO B 103 13.79 -14.59 -18.71
N THR B 104 13.11 -14.08 -19.73
CA THR B 104 13.50 -14.31 -21.13
C THR B 104 15.02 -14.29 -21.30
N ASP B 105 15.67 -13.36 -20.60
CA ASP B 105 17.12 -13.24 -20.67
C ASP B 105 17.70 -14.33 -19.77
N VAL B 106 18.71 -13.97 -18.97
CA VAL B 106 19.34 -14.91 -18.05
C VAL B 106 19.63 -16.25 -18.70
N GLY B 107 18.68 -17.18 -18.59
CA GLY B 107 18.86 -18.50 -19.16
C GLY B 107 20.05 -19.23 -18.58
N ASP B 116 26.72 -25.21 -4.94
CA ASP B 116 26.49 -23.79 -4.67
C ASP B 116 25.01 -23.47 -4.88
N LYS B 117 24.22 -23.58 -3.81
CA LYS B 117 22.79 -23.34 -3.88
C LYS B 117 22.43 -21.88 -4.16
N GLN B 118 21.27 -21.66 -4.79
CA GLN B 118 20.85 -20.31 -5.09
C GLN B 118 19.36 -20.13 -4.78
N LEU B 119 18.96 -18.87 -4.70
CA LEU B 119 17.58 -18.53 -4.42
C LEU B 119 17.12 -17.54 -5.48
N THR B 120 16.01 -17.85 -6.13
CA THR B 120 15.47 -16.98 -7.15
C THR B 120 14.18 -16.32 -6.67
N LEU B 121 14.18 -14.99 -6.60
CA LEU B 121 13.00 -14.24 -6.19
C LEU B 121 12.34 -13.72 -7.45
N ILE B 122 11.05 -14.02 -7.60
CA ILE B 122 10.30 -13.61 -8.77
C ILE B 122 9.20 -12.63 -8.38
N THR B 123 9.24 -11.42 -8.95
CA THR B 123 8.21 -10.43 -8.65
C THR B 123 7.12 -10.55 -9.74
N CYS B 124 5.86 -10.34 -9.37
CA CYS B 124 4.74 -10.49 -10.28
C CYS B 124 3.75 -9.32 -10.29
N ASP B 125 3.32 -8.94 -11.49
CA ASP B 125 2.33 -7.88 -11.65
C ASP B 125 1.63 -8.07 -13.00
N ASP B 126 0.48 -7.44 -13.17
CA ASP B 126 -0.30 -7.53 -14.41
C ASP B 126 -0.63 -8.96 -14.79
N TYR B 127 -1.47 -9.58 -13.97
CA TYR B 127 -1.90 -10.96 -14.18
C TYR B 127 -2.87 -11.08 -15.35
N ASN B 128 -2.53 -11.93 -16.31
CA ASN B 128 -3.41 -12.15 -17.45
C ASN B 128 -4.26 -13.36 -17.08
N GLU B 129 -5.50 -13.09 -16.68
CA GLU B 129 -6.46 -14.12 -16.27
C GLU B 129 -6.81 -15.18 -17.32
N LYS B 130 -6.78 -14.81 -18.59
CA LYS B 130 -7.13 -15.76 -19.64
C LYS B 130 -6.21 -16.99 -19.64
N THR B 131 -4.91 -16.75 -19.57
CA THR B 131 -3.92 -17.83 -19.59
C THR B 131 -3.31 -18.13 -18.23
N GLY B 132 -3.61 -17.29 -17.24
CA GLY B 132 -3.08 -17.49 -15.90
C GLY B 132 -1.59 -17.15 -15.80
N VAL B 133 -1.15 -16.15 -16.56
CA VAL B 133 0.26 -15.75 -16.53
C VAL B 133 0.45 -14.29 -16.13
N TRP B 134 1.49 -14.02 -15.35
CA TRP B 134 1.80 -12.66 -14.92
C TRP B 134 2.59 -11.95 -16.01
N GLU B 135 1.98 -10.92 -16.61
CA GLU B 135 2.61 -10.17 -17.69
C GLU B 135 3.98 -9.63 -17.33
N LYS B 136 4.11 -9.10 -16.12
CA LYS B 136 5.38 -8.56 -15.68
C LYS B 136 6.01 -9.45 -14.62
N ARG B 137 7.10 -10.10 -14.99
CA ARG B 137 7.84 -10.98 -14.09
C ARG B 137 9.31 -10.57 -14.12
N LYS B 138 9.86 -10.30 -12.94
CA LYS B 138 11.26 -9.91 -12.81
C LYS B 138 11.94 -10.88 -11.85
N ILE B 139 13.19 -11.19 -12.13
CA ILE B 139 13.94 -12.14 -11.32
C ILE B 139 15.10 -11.53 -10.57
N PHE B 140 15.33 -12.05 -9.37
CA PHE B 140 16.43 -11.62 -8.51
C PHE B 140 17.10 -12.91 -8.06
N VAL B 141 18.38 -13.06 -8.40
CA VAL B 141 19.10 -14.26 -8.03
C VAL B 141 20.11 -13.98 -6.92
N ALA B 142 20.04 -14.79 -5.87
CA ALA B 142 20.94 -14.67 -4.73
C ALA B 142 21.64 -16.02 -4.52
N THR B 143 22.94 -15.98 -4.26
CA THR B 143 23.74 -17.20 -4.05
C THR B 143 24.00 -17.46 -2.58
N GLU B 144 23.89 -18.71 -2.16
CA GLU B 144 24.07 -19.05 -0.76
C GLU B 144 25.43 -18.69 -0.17
N VAL B 145 25.40 -18.18 1.05
CA VAL B 145 26.61 -17.80 1.76
C VAL B 145 26.90 -18.84 2.83
N LYS B 146 28.14 -19.30 2.86
CA LYS B 146 28.64 -20.28 3.82
C LYS B 146 27.54 -21.08 4.51
N LYS C 2 -4.79 -21.14 13.30
CA LYS C 2 -4.10 -20.09 14.11
C LYS C 2 -5.06 -18.97 14.53
N PRO C 3 -5.86 -18.43 13.59
CA PRO C 3 -6.79 -17.36 13.92
C PRO C 3 -7.55 -17.60 15.23
N GLN C 4 -7.27 -16.79 16.24
CA GLN C 4 -7.92 -16.93 17.53
C GLN C 4 -7.75 -15.71 18.43
N ILE C 5 -8.84 -15.30 19.06
CA ILE C 5 -8.82 -14.17 19.97
C ILE C 5 -8.59 -14.75 21.37
N PRO C 6 -7.52 -14.30 22.05
CA PRO C 6 -7.23 -14.80 23.39
C PRO C 6 -8.34 -14.49 24.38
N LYS C 7 -8.47 -15.32 25.42
CA LYS C 7 -9.48 -15.10 26.45
C LYS C 7 -8.94 -14.06 27.43
N ASP C 8 -7.62 -14.03 27.55
CA ASP C 8 -6.94 -13.09 28.44
C ASP C 8 -6.92 -11.71 27.75
N LYS C 9 -7.72 -10.80 28.29
CA LYS C 9 -7.83 -9.44 27.75
C LYS C 9 -6.54 -8.64 27.63
N SER C 10 -5.46 -9.10 28.26
CA SER C 10 -4.21 -8.38 28.19
C SER C 10 -3.29 -8.93 27.10
N LYS C 11 -3.76 -9.95 26.37
CA LYS C 11 -2.94 -10.57 25.31
C LYS C 11 -3.33 -10.13 23.90
N VAL C 12 -2.34 -9.64 23.16
CA VAL C 12 -2.53 -9.20 21.78
C VAL C 12 -3.05 -10.34 20.91
N ALA C 13 -4.15 -10.10 20.19
CA ALA C 13 -4.73 -11.12 19.33
C ALA C 13 -4.19 -11.05 17.90
N GLY C 14 -3.76 -9.84 17.50
CA GLY C 14 -3.23 -9.64 16.17
C GLY C 14 -2.97 -8.17 15.92
N TYR C 15 -2.87 -7.77 14.66
CA TYR C 15 -2.63 -6.36 14.36
C TYR C 15 -3.42 -5.93 13.13
N ILE C 16 -3.61 -4.61 13.01
CA ILE C 16 -4.33 -4.03 11.87
C ILE C 16 -3.39 -2.97 11.27
N GLU C 17 -3.35 -2.90 9.94
CA GLU C 17 -2.48 -1.95 9.28
C GLU C 17 -3.22 -1.18 8.19
N ILE C 18 -3.15 0.14 8.26
CA ILE C 18 -3.81 1.01 7.28
C ILE C 18 -2.79 2.06 6.89
N PRO C 19 -1.93 1.72 5.91
CA PRO C 19 -0.86 2.57 5.39
C PRO C 19 -1.25 4.03 5.13
N ASP C 20 -2.29 4.25 4.34
CA ASP C 20 -2.71 5.61 4.03
C ASP C 20 -3.00 6.46 5.28
N ALA C 21 -3.25 5.81 6.41
CA ALA C 21 -3.52 6.53 7.66
C ALA C 21 -2.35 6.45 8.64
N ASP C 22 -1.28 5.76 8.24
CA ASP C 22 -0.10 5.59 9.09
C ASP C 22 -0.46 4.78 10.34
N ILE C 23 -1.44 3.90 10.20
CA ILE C 23 -1.87 3.08 11.32
C ILE C 23 -1.31 1.66 11.24
N LYS C 24 -0.68 1.23 12.32
CA LYS C 24 -0.10 -0.11 12.46
C LYS C 24 -0.23 -0.34 13.95
N GLU C 25 -1.27 -1.07 14.35
CA GLU C 25 -1.54 -1.25 15.77
C GLU C 25 -1.92 -2.66 16.19
N PRO C 26 -1.53 -3.05 17.41
CA PRO C 26 -1.85 -4.38 17.94
C PRO C 26 -3.35 -4.34 18.23
N VAL C 27 -4.03 -5.48 18.17
CA VAL C 27 -5.45 -5.51 18.47
C VAL C 27 -5.68 -6.42 19.67
N TYR C 28 -6.36 -5.88 20.69
CA TYR C 28 -6.65 -6.64 21.90
C TYR C 28 -8.05 -7.23 21.91
N PRO C 29 -8.28 -8.22 22.77
CA PRO C 29 -9.55 -8.93 22.95
C PRO C 29 -10.57 -8.11 23.73
N GLY C 30 -11.55 -8.84 24.26
CA GLY C 30 -12.63 -8.27 25.07
C GLY C 30 -13.38 -7.14 24.42
N PRO C 31 -14.52 -6.74 25.01
CA PRO C 31 -15.28 -5.64 24.41
C PRO C 31 -14.45 -4.36 24.58
N ALA C 32 -14.70 -3.37 23.74
CA ALA C 32 -13.94 -2.13 23.81
C ALA C 32 -14.40 -1.19 24.93
N THR C 33 -14.01 -1.51 26.16
CA THR C 33 -14.33 -0.69 27.32
C THR C 33 -13.16 0.30 27.44
N PRO C 34 -13.29 1.32 28.31
CA PRO C 34 -12.19 2.27 28.46
C PRO C 34 -10.91 1.53 28.88
N GLU C 35 -11.08 0.47 29.67
CA GLU C 35 -9.95 -0.32 30.14
C GLU C 35 -9.23 -0.99 28.97
N GLN C 36 -9.98 -1.61 28.07
CA GLN C 36 -9.36 -2.28 26.93
C GLN C 36 -8.75 -1.28 25.95
N LEU C 37 -9.45 -0.18 25.66
CA LEU C 37 -8.90 0.81 24.74
C LEU C 37 -7.67 1.53 25.32
N ASN C 38 -7.48 1.43 26.62
CA ASN C 38 -6.32 2.06 27.24
C ASN C 38 -5.13 1.18 26.91
N ARG C 39 -5.39 -0.10 26.71
CA ARG C 39 -4.33 -1.04 26.34
C ARG C 39 -4.03 -0.83 24.86
N GLY C 40 -5.08 -0.65 24.05
CA GLY C 40 -4.88 -0.43 22.64
C GLY C 40 -6.15 -0.69 21.85
N VAL C 41 -6.05 -0.63 20.52
CA VAL C 41 -7.19 -0.90 19.66
C VAL C 41 -7.71 -2.28 20.08
N SER C 42 -9.03 -2.44 20.17
CA SER C 42 -9.60 -3.71 20.59
C SER C 42 -10.85 -4.06 19.78
N PHE C 43 -11.22 -5.34 19.77
CA PHE C 43 -12.43 -5.73 19.05
C PHE C 43 -13.55 -5.02 19.80
N ALA C 44 -14.55 -4.52 19.07
CA ALA C 44 -15.65 -3.81 19.69
C ALA C 44 -16.47 -4.71 20.60
N GLU C 45 -16.75 -5.93 20.13
CA GLU C 45 -17.55 -6.87 20.91
C GLU C 45 -16.71 -7.97 21.56
N GLU C 46 -17.24 -8.56 22.63
CA GLU C 46 -16.54 -9.62 23.32
C GLU C 46 -16.69 -10.96 22.58
N ASN C 47 -17.92 -11.24 22.13
CA ASN C 47 -18.20 -12.47 21.40
C ASN C 47 -17.90 -12.22 19.92
N GLU C 48 -16.65 -11.84 19.64
CA GLU C 48 -16.23 -11.54 18.28
C GLU C 48 -15.65 -12.78 17.60
N SER C 49 -16.27 -13.20 16.51
CA SER C 49 -15.80 -14.36 15.76
C SER C 49 -15.02 -13.90 14.54
N LEU C 50 -13.88 -14.54 14.28
CA LEU C 50 -13.04 -14.18 13.15
C LEU C 50 -13.56 -14.72 11.82
N ASP C 51 -14.60 -15.55 11.87
CA ASP C 51 -15.17 -16.13 10.66
C ASP C 51 -16.47 -15.45 10.23
N ASP C 52 -17.01 -14.58 11.09
CA ASP C 52 -18.24 -13.87 10.79
C ASP C 52 -18.12 -12.99 9.55
N GLN C 53 -19.25 -12.70 8.93
CA GLN C 53 -19.31 -11.87 7.74
C GLN C 53 -18.76 -10.48 8.07
N ASN C 54 -18.97 -10.05 9.32
CA ASN C 54 -18.48 -8.76 9.78
C ASN C 54 -17.71 -8.87 11.09
N ILE C 55 -16.61 -8.14 11.16
CA ILE C 55 -15.76 -8.10 12.35
C ILE C 55 -15.64 -6.62 12.70
N SER C 56 -15.92 -6.28 13.95
CA SER C 56 -15.85 -4.90 14.41
C SER C 56 -14.65 -4.65 15.31
N ILE C 57 -13.92 -3.57 15.03
CA ILE C 57 -12.74 -3.22 15.80
C ILE C 57 -12.85 -1.74 16.18
N ALA C 58 -12.58 -1.45 17.45
CA ALA C 58 -12.68 -0.10 17.96
C ALA C 58 -11.34 0.53 18.35
N GLY C 59 -11.28 1.86 18.29
CA GLY C 59 -10.06 2.55 18.65
C GLY C 59 -10.38 3.99 19.03
N HIS C 60 -9.54 4.57 19.88
CA HIS C 60 -9.75 5.95 20.32
C HIS C 60 -9.60 6.95 19.19
N THR C 61 -10.20 8.11 19.43
CA THR C 61 -10.13 9.27 18.57
C THR C 61 -9.79 10.35 19.60
N PHE C 62 -8.57 10.88 19.54
CA PHE C 62 -8.13 11.91 20.48
C PHE C 62 -7.19 12.80 19.69
N ILE C 63 -7.73 13.88 19.15
CA ILE C 63 -6.97 14.79 18.31
C ILE C 63 -5.70 15.37 18.91
N ASP C 64 -5.59 15.37 20.23
CA ASP C 64 -4.40 15.89 20.90
C ASP C 64 -3.18 15.04 20.52
N ARG C 65 -3.44 13.80 20.13
CA ARG C 65 -2.41 12.87 19.69
C ARG C 65 -2.83 12.44 18.28
N PRO C 66 -2.47 13.22 17.26
CA PRO C 66 -2.81 12.96 15.86
C PRO C 66 -2.76 11.51 15.36
N ASN C 67 -1.78 10.74 15.83
CA ASN C 67 -1.65 9.35 15.38
C ASN C 67 -1.95 8.29 16.42
N TYR C 68 -2.75 8.65 17.41
CA TYR C 68 -3.12 7.70 18.47
C TYR C 68 -4.28 6.81 18.03
N GLN C 69 -4.04 5.50 18.00
CA GLN C 69 -5.07 4.52 17.62
C GLN C 69 -5.79 4.90 16.32
N PHE C 70 -7.08 5.22 16.39
CA PHE C 70 -7.82 5.56 15.15
C PHE C 70 -8.05 7.06 14.93
N THR C 71 -7.26 7.89 15.59
CA THR C 71 -7.42 9.32 15.45
C THR C 71 -7.24 9.78 14.01
N ASN C 72 -6.29 9.16 13.30
CA ASN C 72 -6.01 9.55 11.92
C ASN C 72 -6.69 8.65 10.90
N LEU C 73 -7.62 7.81 11.33
CA LEU C 73 -8.29 6.90 10.40
C LEU C 73 -8.94 7.62 9.23
N LYS C 74 -9.43 8.84 9.47
CA LYS C 74 -10.08 9.62 8.41
C LYS C 74 -9.18 9.90 7.21
N ALA C 75 -7.88 9.74 7.37
CA ALA C 75 -6.94 9.98 6.27
C ALA C 75 -7.06 8.90 5.21
N ALA C 76 -7.65 7.76 5.59
CA ALA C 76 -7.84 6.65 4.67
C ALA C 76 -9.16 6.90 3.95
N LYS C 77 -9.13 6.83 2.63
CA LYS C 77 -10.31 7.09 1.81
C LYS C 77 -10.78 5.82 1.10
N LYS C 78 -11.86 5.95 0.32
CA LYS C 78 -12.38 4.80 -0.41
C LYS C 78 -11.27 4.27 -1.32
N GLY C 79 -11.02 2.97 -1.23
CA GLY C 79 -9.98 2.37 -2.04
C GLY C 79 -8.73 2.07 -1.23
N SER C 80 -8.55 2.76 -0.11
CA SER C 80 -7.37 2.57 0.75
C SER C 80 -7.32 1.17 1.35
N MET C 81 -6.13 0.57 1.32
CA MET C 81 -5.91 -0.78 1.83
C MET C 81 -5.93 -0.91 3.35
N VAL C 82 -6.46 -2.03 3.82
CA VAL C 82 -6.50 -2.35 5.24
C VAL C 82 -6.03 -3.80 5.36
N TYR C 83 -4.98 -4.03 6.15
CA TYR C 83 -4.47 -5.38 6.35
C TYR C 83 -4.75 -5.82 7.78
N PHE C 84 -5.38 -6.98 7.93
CA PHE C 84 -5.72 -7.52 9.24
C PHE C 84 -5.05 -8.87 9.39
N LYS C 85 -4.15 -8.97 10.37
CA LYS C 85 -3.40 -10.20 10.59
C LYS C 85 -3.59 -10.75 12.00
N VAL C 86 -4.22 -11.90 12.10
CA VAL C 86 -4.49 -12.52 13.39
C VAL C 86 -3.68 -13.78 13.68
N GLY C 87 -3.72 -14.73 12.77
CA GLY C 87 -2.98 -15.96 12.96
C GLY C 87 -2.07 -16.28 11.79
N ASN C 88 -2.46 -17.27 10.99
CA ASN C 88 -1.69 -17.67 9.84
C ASN C 88 -2.25 -17.00 8.59
N GLU C 89 -2.98 -15.91 8.78
CA GLU C 89 -3.60 -15.19 7.67
C GLU C 89 -3.37 -13.68 7.69
N THR C 90 -3.31 -13.10 6.50
CA THR C 90 -3.17 -11.66 6.34
C THR C 90 -4.37 -11.29 5.48
N ARG C 91 -5.48 -10.90 6.12
CA ARG C 91 -6.67 -10.52 5.37
C ARG C 91 -6.57 -9.07 4.89
N LYS C 92 -6.99 -8.86 3.65
CA LYS C 92 -6.95 -7.55 3.03
C LYS C 92 -8.34 -7.03 2.71
N TYR C 93 -8.56 -5.74 2.95
CA TYR C 93 -9.85 -5.10 2.68
C TYR C 93 -9.58 -3.76 2.02
N LYS C 94 -10.63 -3.20 1.42
CA LYS C 94 -10.55 -1.91 0.76
C LYS C 94 -11.61 -1.00 1.37
N MET C 95 -11.20 0.17 1.85
CA MET C 95 -12.15 1.08 2.46
C MET C 95 -13.26 1.40 1.45
N THR C 96 -14.51 1.38 1.91
CA THR C 96 -15.66 1.67 1.05
C THR C 96 -16.03 3.15 1.15
N SER C 97 -17.15 3.53 0.55
CA SER C 97 -17.61 4.92 0.60
C SER C 97 -18.19 5.21 1.98
N ILE C 98 -18.43 4.16 2.75
CA ILE C 98 -18.96 4.32 4.10
C ILE C 98 -17.75 4.50 5.01
N ARG C 99 -17.37 5.76 5.24
CA ARG C 99 -16.23 6.08 6.07
C ARG C 99 -16.38 7.43 6.76
N ASP C 100 -15.83 7.52 7.98
CA ASP C 100 -15.88 8.74 8.77
C ASP C 100 -17.31 9.28 8.81
N VAL C 101 -18.25 8.40 9.10
CA VAL C 101 -19.65 8.79 9.17
C VAL C 101 -20.30 8.44 10.50
N LYS C 102 -21.19 9.33 10.95
CA LYS C 102 -21.89 9.12 12.21
C LYS C 102 -22.79 7.92 12.04
N PRO C 103 -22.98 7.13 13.10
CA PRO C 103 -23.83 5.94 13.05
C PRO C 103 -25.19 6.22 12.40
N THR C 104 -25.81 7.31 12.81
CA THR C 104 -27.12 7.69 12.28
C THR C 104 -27.14 8.19 10.83
N ASP C 105 -25.97 8.36 10.23
CA ASP C 105 -25.92 8.81 8.85
C ASP C 105 -25.62 7.61 7.95
N VAL C 106 -25.54 6.43 8.56
CA VAL C 106 -25.28 5.21 7.82
C VAL C 106 -26.59 4.74 7.19
N GLY C 107 -26.54 4.42 5.90
CA GLY C 107 -27.72 3.97 5.19
C GLY C 107 -27.91 2.46 5.28
N VAL C 108 -29.11 2.00 4.90
CA VAL C 108 -29.44 0.58 4.94
C VAL C 108 -28.55 -0.26 4.03
N LEU C 109 -28.35 0.21 2.80
CA LEU C 109 -27.53 -0.50 1.83
C LEU C 109 -26.06 -0.15 1.92
N ASP C 110 -25.60 0.21 3.12
CA ASP C 110 -24.20 0.56 3.32
C ASP C 110 -23.34 -0.68 3.51
N GLU C 111 -23.07 -1.03 4.76
CA GLU C 111 -22.25 -2.20 5.07
C GLU C 111 -23.03 -3.50 4.86
N GLN C 112 -22.30 -4.58 4.61
CA GLN C 112 -22.91 -5.89 4.41
C GLN C 112 -23.90 -5.86 3.24
N LYS C 113 -23.38 -5.69 2.03
CA LYS C 113 -24.22 -5.65 0.84
C LYS C 113 -24.01 -6.91 0.00
N GLY C 114 -22.75 -7.19 -0.32
CA GLY C 114 -22.44 -8.37 -1.11
C GLY C 114 -22.18 -9.61 -0.28
N LYS C 115 -21.60 -10.63 -0.89
CA LYS C 115 -21.31 -11.87 -0.21
C LYS C 115 -19.85 -11.86 0.27
N ASP C 116 -19.28 -10.67 0.39
CA ASP C 116 -17.90 -10.51 0.82
C ASP C 116 -17.80 -10.17 2.30
N LYS C 117 -16.72 -10.60 2.93
CA LYS C 117 -16.50 -10.32 4.34
C LYS C 117 -16.18 -8.84 4.47
N GLN C 118 -16.28 -8.31 5.69
CA GLN C 118 -16.00 -6.90 5.88
C GLN C 118 -15.48 -6.60 7.28
N LEU C 119 -14.91 -5.42 7.43
CA LEU C 119 -14.38 -4.98 8.70
C LEU C 119 -15.04 -3.65 9.01
N THR C 120 -15.57 -3.51 10.22
CA THR C 120 -16.18 -2.25 10.62
C THR C 120 -15.24 -1.63 11.65
N LEU C 121 -14.68 -0.48 11.33
CA LEU C 121 -13.78 0.20 12.24
C LEU C 121 -14.54 1.35 12.89
N ILE C 122 -14.53 1.38 14.21
CA ILE C 122 -15.25 2.40 14.98
C ILE C 122 -14.35 3.28 15.83
N THR C 123 -14.33 4.58 15.54
CA THR C 123 -13.52 5.48 16.35
C THR C 123 -14.42 5.82 17.55
N CYS C 124 -13.84 5.88 18.74
CA CYS C 124 -14.58 6.12 19.97
C CYS C 124 -14.14 7.31 20.81
N ASP C 125 -15.11 7.99 21.41
CA ASP C 125 -14.84 9.13 22.28
C ASP C 125 -16.10 9.48 23.08
N ASP C 126 -15.92 10.23 24.16
CA ASP C 126 -17.03 10.66 25.01
C ASP C 126 -17.78 9.48 25.64
N TYR C 127 -17.06 8.68 26.41
CA TYR C 127 -17.64 7.52 27.08
C TYR C 127 -18.61 7.93 28.16
N ASN C 128 -19.69 7.15 28.31
CA ASN C 128 -20.71 7.43 29.32
C ASN C 128 -20.69 6.25 30.28
N GLU C 129 -20.14 6.47 31.48
CA GLU C 129 -20.04 5.43 32.50
C GLU C 129 -21.39 4.84 32.90
N LYS C 130 -22.44 5.63 32.74
CA LYS C 130 -23.79 5.19 33.10
C LYS C 130 -24.35 4.19 32.08
N THR C 131 -24.26 4.52 30.79
CA THR C 131 -24.79 3.67 29.75
C THR C 131 -23.78 2.68 29.15
N GLY C 132 -22.50 2.90 29.43
CA GLY C 132 -21.49 2.02 28.88
C GLY C 132 -21.38 2.21 27.37
N VAL C 133 -21.67 3.42 26.91
CA VAL C 133 -21.62 3.73 25.50
C VAL C 133 -20.63 4.82 25.16
N TRP C 134 -19.88 4.66 24.07
CA TRP C 134 -18.99 5.71 23.62
C TRP C 134 -19.95 6.58 22.81
N GLU C 135 -20.36 7.69 23.41
CA GLU C 135 -21.33 8.59 22.78
C GLU C 135 -20.95 9.14 21.40
N LYS C 136 -19.67 9.41 21.18
CA LYS C 136 -19.22 9.95 19.91
C LYS C 136 -18.45 8.90 19.14
N ARG C 137 -19.03 8.45 18.03
CA ARG C 137 -18.42 7.43 17.19
C ARG C 137 -18.49 7.81 15.72
N LYS C 138 -17.54 7.30 14.93
CA LYS C 138 -17.52 7.51 13.50
C LYS C 138 -17.35 6.11 12.91
N ILE C 139 -18.05 5.83 11.82
CA ILE C 139 -18.00 4.51 11.21
C ILE C 139 -17.23 4.44 9.90
N PHE C 140 -16.46 3.36 9.74
CA PHE C 140 -15.69 3.10 8.53
C PHE C 140 -15.89 1.63 8.21
N VAL C 141 -16.33 1.34 6.99
CA VAL C 141 -16.54 -0.04 6.55
C VAL C 141 -15.58 -0.35 5.39
N ALA C 142 -14.80 -1.42 5.56
CA ALA C 142 -13.86 -1.84 4.53
C ALA C 142 -14.26 -3.25 4.09
N THR C 143 -14.35 -3.46 2.78
CA THR C 143 -14.76 -4.76 2.25
C THR C 143 -13.60 -5.62 1.81
N GLU C 144 -13.71 -6.92 2.11
CA GLU C 144 -12.69 -7.91 1.78
C GLU C 144 -12.30 -7.90 0.31
N VAL C 145 -11.00 -7.98 0.06
CA VAL C 145 -10.48 -8.04 -1.30
C VAL C 145 -9.52 -9.22 -1.37
N LYS C 146 -9.25 -9.71 -2.57
CA LYS C 146 -8.33 -10.82 -2.75
C LYS C 146 -7.35 -10.56 -3.87
#